data_2YPS
#
_entry.id   2YPS
#
_cell.length_a   69.840
_cell.length_b   81.700
_cell.length_c   184.460
_cell.angle_alpha   90.00
_cell.angle_beta   90.00
_cell.angle_gamma   90.00
#
_symmetry.space_group_name_H-M   'C 2 2 21'
#
loop_
_entity.id
_entity.type
_entity.pdbx_description
1 polymer 'SORTING NEXIN-3'
2 water water
#
_entity_poly.entity_id   1
_entity_poly.type   'polypeptide(L)'
_entity_poly.pdbx_seq_one_letter_code
;SMPPSNFLEIDVSNPQTVGVGRGRFTTYEIRVKTNLPIFKLKESTVRRRYSDFEWLRSELERESKVVVPPLPGKAFLRQL
PFRGDDGIFDDNFIEERKQGLEQFINKVAGHPLAQNERCLHMFLQDEIIDKSYT
;
_entity_poly.pdbx_strand_id   A,B,C,D
#
# COMPACT_ATOMS: atom_id res chain seq x y z
N SER A 1 -13.60 -0.20 -29.08
CA SER A 1 -13.09 -1.44 -29.77
C SER A 1 -14.20 -2.49 -30.00
N MET A 2 -14.10 -3.20 -31.13
CA MET A 2 -14.94 -4.35 -31.43
C MET A 2 -13.94 -5.40 -31.93
N PRO A 3 -13.80 -6.53 -31.25
CA PRO A 3 -12.78 -7.50 -31.66
C PRO A 3 -13.31 -8.53 -32.64
N PRO A 4 -12.40 -9.21 -33.36
CA PRO A 4 -12.76 -10.22 -34.35
C PRO A 4 -13.17 -11.53 -33.68
N SER A 5 -13.55 -12.55 -34.44
CA SER A 5 -13.80 -13.86 -33.81
C SER A 5 -12.52 -14.45 -33.12
N ASN A 6 -12.56 -14.45 -31.79
CA ASN A 6 -11.39 -14.60 -30.94
C ASN A 6 -11.76 -15.44 -29.75
N PHE A 7 -10.73 -15.90 -29.03
CA PHE A 7 -10.96 -16.43 -27.70
C PHE A 7 -9.97 -15.91 -26.62
N LEU A 8 -10.47 -15.91 -25.39
CA LEU A 8 -9.72 -15.47 -24.23
C LEU A 8 -10.19 -16.23 -23.01
N GLU A 9 -9.37 -17.16 -22.56
CA GLU A 9 -9.69 -17.95 -21.37
C GLU A 9 -8.67 -17.58 -20.29
N ILE A 10 -9.17 -17.24 -19.11
CA ILE A 10 -8.32 -16.95 -17.97
C ILE A 10 -8.73 -17.82 -16.81
N ASP A 11 -7.77 -18.49 -16.20
CA ASP A 11 -8.08 -19.40 -15.11
C ASP A 11 -7.35 -18.96 -13.86
N VAL A 12 -8.05 -19.00 -12.75
CA VAL A 12 -7.43 -18.71 -11.47
C VAL A 12 -7.39 -20.00 -10.67
N SER A 13 -6.23 -20.35 -10.14
CA SER A 13 -6.07 -21.62 -9.39
C SER A 13 -5.04 -21.50 -8.29
N ASN A 14 -5.13 -22.33 -7.25
CA ASN A 14 -4.12 -22.25 -6.13
C ASN A 14 -2.65 -22.76 -6.27
N PRO A 15 -2.44 -23.93 -6.92
CA PRO A 15 -1.21 -24.72 -6.67
C PRO A 15 0.03 -23.90 -6.26
N GLY A 21 1.02 -19.45 -0.53
CA GLY A 21 1.67 -18.88 0.66
C GLY A 21 0.73 -18.62 1.85
N ARG A 22 1.28 -18.00 2.90
CA ARG A 22 0.52 -17.62 4.11
C ARG A 22 0.26 -16.09 4.16
N GLY A 23 -1.00 -15.69 4.38
CA GLY A 23 -1.36 -14.28 4.55
C GLY A 23 -1.09 -13.40 3.35
N ARG A 24 -0.18 -12.43 3.48
CA ARG A 24 0.14 -11.59 2.37
C ARG A 24 0.91 -12.33 1.30
N PHE A 25 1.53 -13.45 1.64
CA PHE A 25 2.26 -14.22 0.63
C PHE A 25 1.38 -15.19 -0.13
N THR A 26 0.13 -15.33 0.26
CA THR A 26 -0.82 -16.14 -0.53
C THR A 26 -0.88 -15.62 -1.95
N THR A 27 -0.72 -16.51 -2.91
CA THR A 27 -0.77 -16.16 -4.31
C THR A 27 -1.69 -17.08 -5.07
N TYR A 28 -2.12 -16.62 -6.26
CA TYR A 28 -2.99 -17.37 -7.15
C TYR A 28 -2.25 -17.51 -8.47
N GLU A 29 -2.41 -18.64 -9.13
CA GLU A 29 -1.79 -18.83 -10.41
C GLU A 29 -2.83 -18.34 -11.39
N ILE A 30 -2.40 -17.52 -12.34
CA ILE A 30 -3.33 -17.00 -13.34
C ILE A 30 -2.83 -17.41 -14.71
N ARG A 31 -3.64 -18.19 -15.41
CA ARG A 31 -3.30 -18.78 -16.70
C ARG A 31 -4.15 -18.14 -17.79
N VAL A 32 -3.51 -17.69 -18.85
CA VAL A 32 -4.19 -17.04 -19.96
C VAL A 32 -3.91 -17.81 -21.25
N LYS A 33 -4.97 -18.15 -21.96
CA LYS A 33 -4.85 -18.70 -23.32
C LYS A 33 -5.63 -17.77 -24.19
N THR A 34 -4.99 -17.25 -25.22
CA THR A 34 -5.68 -16.39 -26.13
C THR A 34 -5.03 -16.36 -27.50
N ASN A 35 -5.83 -16.00 -28.50
CA ASN A 35 -5.32 -15.62 -29.82
C ASN A 35 -5.44 -14.14 -30.12
N LEU A 36 -5.70 -13.31 -29.11
CA LEU A 36 -5.86 -11.87 -29.31
C LEU A 36 -4.48 -11.25 -29.49
N PRO A 37 -4.27 -10.48 -30.57
CA PRO A 37 -2.92 -9.98 -30.87
C PRO A 37 -2.36 -8.95 -29.84
N ILE A 38 -3.26 -8.27 -29.14
CA ILE A 38 -2.92 -7.24 -28.16
C ILE A 38 -2.04 -7.83 -27.04
N PHE A 39 -2.21 -9.11 -26.72
CA PHE A 39 -1.37 -9.82 -25.76
C PHE A 39 -0.01 -10.27 -26.30
N LYS A 40 1.07 -9.89 -25.65
CA LYS A 40 2.41 -10.36 -26.04
C LYS A 40 2.53 -11.90 -26.11
N LEU A 41 1.85 -12.63 -25.23
CA LEU A 41 1.94 -14.10 -25.19
C LEU A 41 0.59 -14.74 -25.34
N LYS A 42 0.55 -15.86 -26.05
CA LYS A 42 -0.73 -16.52 -26.34
C LYS A 42 -1.07 -17.52 -25.24
N GLU A 43 -0.04 -17.93 -24.50
CA GLU A 43 -0.20 -18.75 -23.32
C GLU A 43 0.72 -18.18 -22.27
N SER A 44 0.22 -18.01 -21.04
CA SER A 44 1.07 -17.52 -19.99
C SER A 44 0.62 -18.01 -18.65
N THR A 45 1.53 -17.97 -17.69
CA THR A 45 1.20 -18.15 -16.30
C THR A 45 1.85 -17.06 -15.46
N VAL A 46 1.11 -16.50 -14.50
CA VAL A 46 1.72 -15.61 -13.56
C VAL A 46 1.21 -15.92 -12.22
N ARG A 47 1.91 -15.41 -11.21
CA ARG A 47 1.53 -15.61 -9.83
C ARG A 47 1.16 -14.23 -9.26
N ARG A 48 -0.06 -14.09 -8.78
CA ARG A 48 -0.55 -12.82 -8.28
C ARG A 48 -1.15 -12.92 -6.92
N ARG A 49 -1.07 -11.85 -6.18
CA ARG A 49 -1.69 -11.78 -4.88
C ARG A 49 -3.00 -11.07 -4.95
N TYR A 50 -3.76 -11.18 -3.88
CA TYR A 50 -5.00 -10.48 -3.81
C TYR A 50 -4.74 -9.01 -4.04
N SER A 51 -3.67 -8.50 -3.48
CA SER A 51 -3.49 -7.06 -3.54
C SER A 51 -3.18 -6.52 -4.98
N ASP A 52 -2.72 -7.41 -5.84
CA ASP A 52 -2.48 -7.08 -7.21
C ASP A 52 -3.84 -6.85 -7.90
N PHE A 53 -4.88 -7.48 -7.39
CA PHE A 53 -6.21 -7.30 -7.96
C PHE A 53 -6.72 -5.95 -7.52
N GLU A 54 -6.56 -5.65 -6.26
CA GLU A 54 -6.84 -4.31 -5.77
C GLU A 54 -6.10 -3.27 -6.61
N TRP A 55 -4.81 -3.50 -6.85
CA TRP A 55 -3.99 -2.54 -7.62
C TRP A 55 -4.52 -2.37 -9.01
N LEU A 56 -4.92 -3.46 -9.65
CA LEU A 56 -5.42 -3.39 -10.97
C LEU A 56 -6.67 -2.54 -11.01
N ARG A 57 -7.55 -2.75 -10.04
CA ARG A 57 -8.80 -2.03 -10.00
C ARG A 57 -8.55 -0.53 -9.87
N SER A 58 -7.59 -0.14 -9.04
CA SER A 58 -7.29 1.26 -8.89
C SER A 58 -6.63 1.87 -10.12
N GLU A 59 -5.73 1.15 -10.80
CA GLU A 59 -5.14 1.69 -11.99
C GLU A 59 -6.26 1.93 -12.97
N LEU A 60 -7.15 0.97 -13.12
CA LEU A 60 -8.19 1.09 -14.11
C LEU A 60 -9.11 2.27 -13.82
N GLU A 61 -9.39 2.54 -12.55
CA GLU A 61 -10.26 3.66 -12.22
C GLU A 61 -9.53 4.97 -12.48
N ARG A 62 -8.21 4.95 -12.37
CA ARG A 62 -7.45 6.14 -12.62
C ARG A 62 -7.33 6.46 -14.09
N GLU A 63 -7.17 5.46 -14.93
CA GLU A 63 -6.72 5.66 -16.32
C GLU A 63 -7.75 5.32 -17.37
N SER A 64 -8.93 4.90 -16.95
CA SER A 64 -9.91 4.38 -17.89
C SER A 64 -11.28 4.77 -17.42
N LYS A 65 -12.27 4.41 -18.22
CA LYS A 65 -13.67 4.63 -17.88
C LYS A 65 -14.33 3.31 -17.47
N VAL A 66 -13.54 2.23 -17.43
CA VAL A 66 -14.06 0.90 -17.07
C VAL A 66 -14.72 0.96 -15.69
N VAL A 67 -15.91 0.36 -15.57
CA VAL A 67 -16.53 0.14 -14.27
C VAL A 67 -16.12 -1.27 -13.85
N VAL A 68 -15.38 -1.34 -12.76
CA VAL A 68 -14.70 -2.54 -12.38
C VAL A 68 -15.65 -3.42 -11.55
N PRO A 69 -15.76 -4.71 -11.89
CA PRO A 69 -16.64 -5.54 -11.09
C PRO A 69 -16.14 -5.70 -9.65
N PRO A 70 -16.97 -6.24 -8.77
CA PRO A 70 -16.57 -6.42 -7.36
C PRO A 70 -15.46 -7.41 -7.16
N LEU A 71 -14.71 -7.24 -6.09
CA LEU A 71 -13.75 -8.24 -5.66
C LEU A 71 -14.36 -8.92 -4.45
N PRO A 72 -13.98 -10.20 -4.20
CA PRO A 72 -14.72 -11.03 -3.24
C PRO A 72 -14.45 -10.76 -1.79
N GLY A 73 -13.29 -10.18 -1.46
CA GLY A 73 -12.96 -9.84 -0.07
C GLY A 73 -11.66 -10.53 0.24
N LYS A 74 -10.77 -9.83 0.95
CA LYS A 74 -9.49 -10.41 1.37
C LYS A 74 -9.70 -11.42 2.49
N ALA A 75 -8.68 -12.25 2.71
CA ALA A 75 -8.80 -13.39 3.61
C ALA A 75 -8.74 -13.01 5.06
N PHE A 76 -7.77 -12.18 5.45
CA PHE A 76 -7.59 -11.69 6.83
C PHE A 76 -8.83 -11.87 7.73
N ASN A 92 -14.13 -24.21 1.38
CA ASN A 92 -15.20 -23.23 1.66
C ASN A 92 -14.74 -21.79 1.38
N PHE A 93 -13.89 -21.29 2.28
CA PHE A 93 -13.41 -19.89 2.28
C PHE A 93 -12.62 -19.64 0.98
N ILE A 94 -11.53 -20.38 0.80
CA ILE A 94 -10.63 -20.16 -0.33
C ILE A 94 -11.23 -20.44 -1.72
N GLU A 95 -12.17 -21.38 -1.84
CA GLU A 95 -12.69 -21.71 -3.18
C GLU A 95 -13.71 -20.68 -3.66
N GLU A 96 -14.53 -20.15 -2.75
CA GLU A 96 -15.43 -19.01 -3.08
C GLU A 96 -14.62 -17.80 -3.58
N ARG A 97 -13.47 -17.59 -2.92
CA ARG A 97 -12.60 -16.47 -3.21
C ARG A 97 -11.99 -16.62 -4.59
N LYS A 98 -11.45 -17.80 -4.87
CA LYS A 98 -10.93 -18.12 -6.22
C LYS A 98 -11.96 -17.89 -7.34
N GLN A 99 -13.18 -18.37 -7.12
CA GLN A 99 -14.22 -18.20 -8.12
C GLN A 99 -14.55 -16.72 -8.30
N GLY A 100 -14.43 -15.92 -7.24
CA GLY A 100 -14.73 -14.49 -7.33
C GLY A 100 -13.68 -13.77 -8.14
N LEU A 101 -12.44 -14.15 -7.85
CA LEU A 101 -11.30 -13.59 -8.52
C LEU A 101 -11.35 -13.93 -9.99
N GLU A 102 -11.77 -15.15 -10.32
CA GLU A 102 -11.87 -15.57 -11.71
C GLU A 102 -12.95 -14.83 -12.50
N GLN A 103 -14.13 -14.61 -11.90
CA GLN A 103 -15.20 -13.82 -12.59
C GLN A 103 -14.70 -12.42 -12.83
N PHE A 104 -14.09 -11.84 -11.80
CA PHE A 104 -13.57 -10.51 -11.86
C PHE A 104 -12.64 -10.34 -13.03
N ILE A 105 -11.57 -11.15 -13.06
CA ILE A 105 -10.55 -10.95 -14.11
C ILE A 105 -11.06 -11.29 -15.51
N ASN A 106 -12.01 -12.23 -15.66
CA ASN A 106 -12.58 -12.45 -16.97
C ASN A 106 -13.43 -11.28 -17.48
N LYS A 107 -14.25 -10.67 -16.62
CA LYS A 107 -15.08 -9.51 -17.03
C LYS A 107 -14.22 -8.34 -17.41
N VAL A 108 -13.26 -8.01 -16.55
CA VAL A 108 -12.32 -6.94 -16.87
C VAL A 108 -11.57 -7.17 -18.13
N ALA A 109 -10.90 -8.32 -18.25
CA ALA A 109 -10.09 -8.60 -19.45
C ALA A 109 -10.94 -8.69 -20.71
N GLY A 110 -12.23 -8.99 -20.54
CA GLY A 110 -13.14 -9.05 -21.67
C GLY A 110 -13.50 -7.69 -22.21
N HIS A 111 -13.24 -6.66 -21.42
CA HIS A 111 -13.70 -5.31 -21.71
C HIS A 111 -12.68 -4.67 -22.64
N PRO A 112 -13.12 -4.18 -23.80
CA PRO A 112 -12.14 -3.75 -24.80
C PRO A 112 -11.41 -2.47 -24.35
N LEU A 113 -12.05 -1.67 -23.50
CA LEU A 113 -11.37 -0.55 -22.81
C LEU A 113 -10.26 -1.01 -21.86
N ALA A 114 -10.49 -2.08 -21.10
CA ALA A 114 -9.45 -2.61 -20.21
C ALA A 114 -8.30 -3.26 -20.98
N GLN A 115 -8.63 -3.94 -22.08
CA GLN A 115 -7.62 -4.51 -22.99
C GLN A 115 -6.61 -3.52 -23.52
N ASN A 116 -6.98 -2.27 -23.57
CA ASN A 116 -6.11 -1.27 -24.10
C ASN A 116 -5.12 -0.71 -23.07
N GLU A 117 -5.10 -1.27 -21.86
CA GLU A 117 -4.41 -0.61 -20.73
C GLU A 117 -3.19 -1.38 -20.28
N ARG A 118 -2.07 -0.70 -20.17
CA ARG A 118 -0.78 -1.28 -19.82
C ARG A 118 -0.90 -2.05 -18.48
N CYS A 119 -1.72 -1.55 -17.56
CA CYS A 119 -1.91 -2.16 -16.25
C CYS A 119 -2.51 -3.57 -16.30
N LEU A 120 -3.47 -3.78 -17.19
CA LEU A 120 -4.02 -5.13 -17.41
C LEU A 120 -2.97 -6.13 -17.94
N HIS A 121 -2.16 -5.71 -18.88
CA HIS A 121 -1.14 -6.56 -19.41
C HIS A 121 -0.01 -6.85 -18.43
N MET A 122 0.35 -5.87 -17.63
CA MET A 122 1.33 -6.12 -16.61
C MET A 122 0.77 -7.16 -15.63
N PHE A 123 -0.51 -7.03 -15.33
CA PHE A 123 -1.12 -7.88 -14.36
C PHE A 123 -1.18 -9.30 -14.88
N LEU A 124 -1.59 -9.44 -16.12
CA LEU A 124 -1.87 -10.76 -16.68
C LEU A 124 -0.62 -11.50 -17.18
N GLN A 125 0.40 -10.79 -17.64
CA GLN A 125 1.49 -11.43 -18.32
C GLN A 125 2.90 -11.01 -17.97
N ASP A 126 3.10 -9.95 -17.20
CA ASP A 126 4.50 -9.50 -16.99
C ASP A 126 4.98 -9.05 -18.40
N GLU A 127 4.21 -8.18 -19.06
CA GLU A 127 4.50 -7.71 -20.46
C GLU A 127 3.79 -6.38 -20.72
N ASN B 6 27.36 -23.82 12.66
CA ASN B 6 26.15 -22.94 12.68
C ASN B 6 26.15 -21.94 11.53
N PHE B 7 25.32 -22.16 10.52
CA PHE B 7 25.36 -21.32 9.32
C PHE B 7 23.99 -20.91 8.79
N LEU B 8 23.99 -19.76 8.10
CA LEU B 8 22.82 -19.22 7.46
C LEU B 8 23.22 -18.43 6.22
N GLU B 9 22.99 -19.00 5.04
CA GLU B 9 23.35 -18.37 3.80
C GLU B 9 22.04 -18.04 3.09
N ILE B 10 21.95 -16.82 2.59
CA ILE B 10 20.78 -16.37 1.81
C ILE B 10 21.20 -15.72 0.50
N ASP B 11 20.58 -16.12 -0.59
CA ASP B 11 20.97 -15.65 -1.92
C ASP B 11 19.79 -14.99 -2.58
N VAL B 12 20.04 -13.83 -3.18
CA VAL B 12 19.02 -13.14 -3.92
C VAL B 12 19.41 -13.20 -5.37
N SER B 13 18.49 -13.64 -6.23
CA SER B 13 18.78 -13.75 -7.66
C SER B 13 17.56 -13.47 -8.51
N ASN B 14 17.78 -13.02 -9.75
CA ASN B 14 16.71 -12.70 -10.70
C ASN B 14 16.64 -13.68 -11.88
N GLY B 21 8.92 -10.03 -14.79
CA GLY B 21 9.33 -9.07 -13.77
C GLY B 21 9.33 -7.56 -14.10
N ARG B 22 8.16 -6.90 -14.10
CA ARG B 22 8.07 -5.44 -14.34
C ARG B 22 7.47 -4.60 -13.17
N GLY B 23 8.21 -3.59 -12.68
CA GLY B 23 7.69 -2.62 -11.67
C GLY B 23 7.30 -3.24 -10.33
N ARG B 24 6.02 -3.14 -9.97
CA ARG B 24 5.56 -3.79 -8.76
C ARG B 24 5.58 -5.33 -8.91
N PHE B 25 5.58 -5.86 -10.13
CA PHE B 25 5.58 -7.32 -10.31
C PHE B 25 6.98 -7.92 -10.38
N THR B 26 8.02 -7.07 -10.34
CA THR B 26 9.39 -7.53 -10.29
C THR B 26 9.55 -8.40 -9.07
N THR B 27 10.09 -9.59 -9.22
CA THR B 27 10.28 -10.48 -8.10
C THR B 27 11.70 -11.02 -8.10
N TYR B 28 12.14 -11.45 -6.94
CA TYR B 28 13.50 -11.93 -6.71
C TYR B 28 13.36 -13.32 -6.12
N GLU B 29 14.23 -14.22 -6.50
CA GLU B 29 14.24 -15.57 -5.93
C GLU B 29 15.10 -15.42 -4.69
N ILE B 30 14.63 -15.92 -3.58
CA ILE B 30 15.40 -15.89 -2.33
C ILE B 30 15.64 -17.30 -1.80
N ARG B 31 16.90 -17.68 -1.74
CA ARG B 31 17.30 -19.10 -1.47
C ARG B 31 17.97 -19.11 -0.11
N VAL B 32 17.53 -19.99 0.78
CA VAL B 32 18.06 -20.10 2.11
C VAL B 32 18.65 -21.48 2.31
N LYS B 33 19.88 -21.53 2.81
CA LYS B 33 20.49 -22.77 3.29
C LYS B 33 20.82 -22.51 4.74
N THR B 34 20.33 -23.35 5.63
CA THR B 34 20.70 -23.23 7.01
C THR B 34 20.61 -24.56 7.77
N ASN B 35 21.39 -24.65 8.85
CA ASN B 35 21.21 -25.72 9.84
C ASN B 35 20.65 -25.21 11.18
N LEU B 36 20.08 -24.01 11.21
CA LEU B 36 19.46 -23.48 12.41
C LEU B 36 18.10 -24.15 12.62
N PRO B 37 17.84 -24.63 13.84
CA PRO B 37 16.66 -25.51 14.05
C PRO B 37 15.35 -24.74 14.02
N ILE B 38 15.44 -23.43 14.30
CA ILE B 38 14.24 -22.56 14.27
C ILE B 38 13.53 -22.61 12.91
N PHE B 39 14.28 -22.69 11.84
CA PHE B 39 13.70 -22.72 10.50
C PHE B 39 13.03 -24.05 10.20
N LYS B 40 11.75 -24.04 9.77
CA LYS B 40 11.08 -25.28 9.33
C LYS B 40 11.86 -26.04 8.21
N LEU B 41 12.54 -25.34 7.29
CA LEU B 41 13.25 -25.97 6.19
C LEU B 41 14.72 -25.57 6.19
N LYS B 42 15.58 -26.51 5.84
CA LYS B 42 17.01 -26.28 5.86
C LYS B 42 17.46 -25.74 4.51
N GLU B 43 16.67 -26.00 3.49
CA GLU B 43 16.89 -25.41 2.17
C GLU B 43 15.53 -24.99 1.65
N SER B 44 15.45 -23.78 1.08
CA SER B 44 14.16 -23.29 0.55
C SER B 44 14.37 -22.31 -0.55
N THR B 45 13.34 -22.15 -1.37
CA THR B 45 13.27 -21.04 -2.33
C THR B 45 11.95 -20.31 -2.19
N VAL B 46 11.98 -19.00 -2.23
CA VAL B 46 10.74 -18.23 -2.33
C VAL B 46 10.90 -17.13 -3.31
N ARG B 47 9.79 -16.56 -3.73
CA ARG B 47 9.78 -15.50 -4.68
C ARG B 47 9.17 -14.27 -3.98
N ARG B 48 9.94 -13.19 -3.95
CA ARG B 48 9.52 -12.00 -3.19
C ARG B 48 9.66 -10.74 -3.99
N ARG B 49 8.82 -9.77 -3.67
CA ARG B 49 8.93 -8.47 -4.29
C ARG B 49 9.66 -7.48 -3.42
N TYR B 50 10.02 -6.36 -4.00
CA TYR B 50 10.59 -5.29 -3.25
C TYR B 50 9.69 -4.93 -2.07
N SER B 51 8.39 -4.87 -2.30
CA SER B 51 7.50 -4.42 -1.24
C SER B 51 7.42 -5.38 -0.06
N ASP B 52 7.77 -6.62 -0.28
CA ASP B 52 7.85 -7.59 0.81
C ASP B 52 9.05 -7.27 1.72
N PHE B 53 10.09 -6.63 1.17
CA PHE B 53 11.22 -6.21 1.97
C PHE B 53 10.82 -5.01 2.80
N GLU B 54 10.15 -4.06 2.19
CA GLU B 54 9.51 -2.98 2.92
C GLU B 54 8.62 -3.51 4.04
N TRP B 55 7.77 -4.45 3.75
CA TRP B 55 6.88 -5.03 4.75
C TRP B 55 7.67 -5.66 5.90
N LEU B 56 8.73 -6.41 5.58
CA LEU B 56 9.51 -7.06 6.60
C LEU B 56 10.14 -6.06 7.54
N ARG B 57 10.68 -4.99 6.98
CA ARG B 57 11.28 -3.94 7.78
C ARG B 57 10.24 -3.37 8.75
N SER B 58 9.04 -3.13 8.27
CA SER B 58 8.00 -2.54 9.15
C SER B 58 7.54 -3.48 10.22
N GLU B 59 7.37 -4.76 9.89
CA GLU B 59 6.98 -5.74 10.90
C GLU B 59 8.04 -5.78 11.96
N LEU B 60 9.30 -5.85 11.56
CA LEU B 60 10.37 -5.87 12.52
C LEU B 60 10.41 -4.65 13.41
N GLU B 61 10.09 -3.47 12.88
CA GLU B 61 10.14 -2.28 13.70
C GLU B 61 8.99 -2.30 14.65
N ARG B 62 7.91 -2.97 14.27
CA ARG B 62 6.76 -3.05 15.13
C ARG B 62 6.93 -4.01 16.27
N GLU B 63 7.58 -5.14 16.01
CA GLU B 63 7.58 -6.30 16.91
C GLU B 63 8.90 -6.53 17.62
N SER B 64 9.92 -5.74 17.33
CA SER B 64 11.27 -6.07 17.73
C SER B 64 12.03 -4.83 18.03
N LYS B 65 13.26 -5.02 18.51
CA LYS B 65 14.15 -3.91 18.78
C LYS B 65 15.21 -3.83 17.69
N VAL B 66 15.13 -4.72 16.70
CA VAL B 66 16.13 -4.79 15.65
C VAL B 66 16.23 -3.41 14.99
N VAL B 67 17.45 -2.94 14.76
CA VAL B 67 17.69 -1.81 13.88
C VAL B 67 17.91 -2.36 12.49
N VAL B 68 17.02 -2.00 11.58
CA VAL B 68 16.98 -2.62 10.27
C VAL B 68 17.96 -1.89 9.35
N PRO B 69 18.79 -2.62 8.62
CA PRO B 69 19.67 -1.93 7.65
C PRO B 69 18.92 -1.28 6.51
N PRO B 70 19.58 -0.41 5.75
CA PRO B 70 18.88 0.28 4.64
C PRO B 70 18.42 -0.67 3.55
N LEU B 71 17.40 -0.25 2.81
CA LEU B 71 17.05 -0.87 1.56
C LEU B 71 17.52 0.03 0.42
N PRO B 72 17.83 -0.56 -0.75
CA PRO B 72 18.51 0.18 -1.80
C PRO B 72 17.69 1.22 -2.56
N GLY B 73 16.35 1.12 -2.57
CA GLY B 73 15.52 2.03 -3.31
C GLY B 73 14.74 1.28 -4.36
N LYS B 74 13.44 1.61 -4.51
CA LYS B 74 12.56 1.01 -5.49
C LYS B 74 12.79 1.62 -6.87
N ALA B 75 12.24 0.98 -7.89
CA ALA B 75 12.28 1.47 -9.31
C ALA B 75 11.36 2.71 -9.68
N PHE B 76 11.42 3.16 -10.93
CA PHE B 76 10.60 4.30 -11.45
C PHE B 76 11.48 5.54 -11.65
N ASP B 91 21.20 -3.09 -17.20
CA ASP B 91 21.91 -4.22 -16.59
C ASP B 91 22.34 -3.85 -15.17
N ASN B 92 23.16 -2.81 -15.04
CA ASN B 92 23.75 -2.43 -13.75
C ASN B 92 22.79 -1.75 -12.75
N PHE B 93 21.63 -1.24 -13.21
CA PHE B 93 20.59 -0.75 -12.27
C PHE B 93 20.14 -1.94 -11.43
N ILE B 94 19.65 -2.99 -12.10
CA ILE B 94 19.11 -4.15 -11.39
C ILE B 94 20.12 -4.92 -10.55
N GLU B 95 21.40 -4.94 -10.95
CA GLU B 95 22.39 -5.74 -10.23
C GLU B 95 22.84 -5.06 -8.93
N GLU B 96 22.96 -3.74 -8.96
CA GLU B 96 23.16 -2.96 -7.74
C GLU B 96 22.02 -3.19 -6.70
N ARG B 97 20.80 -3.24 -7.22
CA ARG B 97 19.61 -3.38 -6.40
C ARG B 97 19.62 -4.76 -5.76
N LYS B 98 19.85 -5.80 -6.57
CA LYS B 98 19.95 -7.19 -6.06
C LYS B 98 21.02 -7.31 -4.96
N GLN B 99 22.17 -6.71 -5.18
CA GLN B 99 23.26 -6.76 -4.20
C GLN B 99 22.89 -6.03 -2.91
N GLY B 100 22.07 -4.97 -3.01
CA GLY B 100 21.57 -4.27 -1.81
C GLY B 100 20.59 -5.10 -1.04
N LEU B 101 19.70 -5.77 -1.78
CA LEU B 101 18.70 -6.61 -1.18
C LEU B 101 19.35 -7.79 -0.49
N GLU B 102 20.41 -8.33 -1.09
CA GLU B 102 21.13 -9.44 -0.50
C GLU B 102 21.88 -9.06 0.78
N GLN B 103 22.52 -7.89 0.82
CA GLN B 103 23.15 -7.38 2.04
C GLN B 103 22.12 -7.21 3.17
N PHE B 104 21.02 -6.56 2.81
CA PHE B 104 19.95 -6.30 3.72
C PHE B 104 19.49 -7.59 4.34
N ILE B 105 19.06 -8.55 3.54
CA ILE B 105 18.44 -9.76 4.12
C ILE B 105 19.45 -10.64 4.88
N ASN B 106 20.72 -10.63 4.49
CA ASN B 106 21.73 -11.36 5.31
C ASN B 106 22.02 -10.72 6.64
N LYS B 107 22.09 -9.39 6.72
CA LYS B 107 22.25 -8.71 8.02
C LYS B 107 21.07 -8.96 8.94
N VAL B 108 19.87 -8.71 8.44
CA VAL B 108 18.68 -8.96 9.22
C VAL B 108 18.62 -10.38 9.71
N ALA B 109 18.70 -11.34 8.79
CA ALA B 109 18.50 -12.74 9.15
C ALA B 109 19.63 -13.22 10.04
N GLY B 110 20.76 -12.53 9.98
CA GLY B 110 21.89 -12.82 10.88
C GLY B 110 21.66 -12.39 12.31
N HIS B 111 20.66 -11.57 12.53
CA HIS B 111 20.45 -10.97 13.82
C HIS B 111 19.59 -11.92 14.64
N PRO B 112 20.10 -12.39 15.78
CA PRO B 112 19.33 -13.39 16.52
C PRO B 112 17.95 -12.91 16.96
N LEU B 113 17.78 -11.61 17.20
CA LEU B 113 16.47 -11.02 17.47
C LEU B 113 15.51 -11.17 16.30
N ALA B 114 16.00 -10.92 15.08
CA ALA B 114 15.17 -11.07 13.88
C ALA B 114 14.81 -12.54 13.58
N GLN B 115 15.76 -13.44 13.82
CA GLN B 115 15.50 -14.87 13.79
C GLN B 115 14.34 -15.36 14.67
N ASN B 116 14.03 -14.64 15.73
CA ASN B 116 12.99 -15.03 16.66
C ASN B 116 11.62 -14.48 16.27
N GLU B 117 11.50 -13.93 15.06
CA GLU B 117 10.26 -13.27 14.66
C GLU B 117 9.53 -14.00 13.55
N ARG B 118 8.23 -14.18 13.73
CA ARG B 118 7.41 -14.87 12.74
C ARG B 118 7.47 -14.22 11.37
N CYS B 119 7.59 -12.92 11.34
CA CYS B 119 7.63 -12.18 10.07
C CYS B 119 8.82 -12.53 9.22
N LEU B 120 9.97 -12.74 9.85
CA LEU B 120 11.16 -13.16 9.10
C LEU B 120 10.98 -14.57 8.47
N HIS B 121 10.39 -15.48 9.21
CA HIS B 121 10.13 -16.82 8.70
C HIS B 121 9.06 -16.84 7.61
N MET B 122 8.06 -15.99 7.71
CA MET B 122 7.10 -15.91 6.64
C MET B 122 7.75 -15.36 5.39
N PHE B 123 8.63 -14.40 5.58
CA PHE B 123 9.27 -13.76 4.45
C PHE B 123 10.18 -14.78 3.74
N LEU B 124 10.95 -15.51 4.53
CA LEU B 124 12.03 -16.31 4.01
C LEU B 124 11.56 -17.68 3.52
N GLN B 125 10.53 -18.24 4.14
CA GLN B 125 10.12 -19.63 3.86
C GLN B 125 8.63 -19.90 3.61
N ASP B 126 7.77 -18.91 3.83
CA ASP B 126 6.32 -19.01 3.44
C ASP B 126 6.11 -18.96 1.91
N GLU B 127 5.43 -19.96 1.35
CA GLU B 127 5.06 -19.95 -0.07
C GLU B 127 5.93 -20.99 -0.80
N ASN C 6 -36.60 11.55 8.40
CA ASN C 6 -35.41 10.65 8.30
C ASN C 6 -34.45 11.19 7.23
N PHE C 7 -33.28 11.68 7.64
CA PHE C 7 -32.30 12.20 6.68
C PHE C 7 -30.82 11.83 6.98
N LEU C 8 -30.04 11.81 5.91
CA LEU C 8 -28.60 11.60 5.99
C LEU C 8 -27.96 12.41 4.87
N GLU C 9 -27.28 13.49 5.24
CA GLU C 9 -26.53 14.29 4.27
C GLU C 9 -25.05 14.13 4.61
N ILE C 10 -24.27 13.84 3.58
CA ILE C 10 -22.82 13.77 3.70
C ILE C 10 -22.25 14.69 2.65
N ASP C 11 -21.32 15.54 3.08
CA ASP C 11 -20.69 16.45 2.18
C ASP C 11 -19.20 16.21 2.13
N VAL C 12 -18.65 16.24 0.94
CA VAL C 12 -17.22 16.17 0.75
C VAL C 12 -16.73 17.50 0.20
N SER C 13 -15.70 18.07 0.84
CA SER C 13 -15.20 19.37 0.45
C SER C 13 -13.73 19.51 0.74
N ASN C 14 -13.05 20.39 0.01
CA ASN C 14 -11.66 20.78 0.29
C ASN C 14 -11.58 22.21 0.87
N GLY C 21 -3.02 19.96 1.23
CA GLY C 21 -1.82 19.43 0.61
C GLY C 21 -2.12 18.72 -0.71
N ARG C 22 -1.07 18.12 -1.27
CA ARG C 22 -1.10 17.55 -2.64
C ARG C 22 -0.81 16.03 -2.73
N GLY C 23 -1.32 15.39 -3.78
CA GLY C 23 -1.09 13.98 -4.04
C GLY C 23 -1.61 13.10 -2.92
N ARG C 24 -0.71 12.35 -2.26
CA ARG C 24 -1.13 11.49 -1.17
C ARG C 24 -1.52 12.30 0.04
N PHE C 25 -1.07 13.55 0.14
CA PHE C 25 -1.45 14.41 1.27
C PHE C 25 -2.74 15.15 1.09
N THR C 26 -3.34 15.05 -0.08
CA THR C 26 -4.65 15.65 -0.33
C THR C 26 -5.63 15.05 0.63
N THR C 27 -6.37 15.89 1.33
CA THR C 27 -7.39 15.41 2.24
C THR C 27 -8.70 16.11 1.96
N TYR C 28 -9.78 15.48 2.38
CA TYR C 28 -11.12 15.97 2.13
C TYR C 28 -11.80 16.09 3.50
N GLU C 29 -12.60 17.12 3.69
CA GLU C 29 -13.38 17.22 4.91
C GLU C 29 -14.63 16.48 4.58
N ILE C 30 -15.06 15.63 5.51
CA ILE C 30 -16.29 14.90 5.33
C ILE C 30 -17.25 15.24 6.47
N ARG C 31 -18.39 15.83 6.10
CA ARG C 31 -19.34 16.38 7.06
C ARG C 31 -20.60 15.52 6.98
N VAL C 32 -21.08 15.08 8.13
CA VAL C 32 -22.29 14.29 8.22
C VAL C 32 -23.32 15.05 9.06
N LYS C 33 -24.53 15.16 8.54
CA LYS C 33 -25.70 15.60 9.31
C LYS C 33 -26.72 14.49 9.21
N THR C 34 -27.17 13.99 10.34
CA THR C 34 -28.19 12.99 10.31
C THR C 34 -29.00 12.99 11.59
N ASN C 35 -30.22 12.47 11.48
CA ASN C 35 -31.03 12.10 12.65
C ASN C 35 -31.18 10.58 12.82
N LEU C 36 -30.36 9.79 12.13
CA LEU C 36 -30.42 8.33 12.24
C LEU C 36 -29.76 7.89 13.56
N PRO C 37 -30.46 7.03 14.33
CA PRO C 37 -29.98 6.72 15.69
C PRO C 37 -28.72 5.86 15.71
N ILE C 38 -28.49 5.11 14.63
CA ILE C 38 -27.31 4.21 14.52
C ILE C 38 -25.98 4.99 14.63
N PHE C 39 -25.98 6.25 14.19
CA PHE C 39 -24.80 7.10 14.31
C PHE C 39 -24.63 7.69 15.69
N LYS C 40 -23.46 7.51 16.29
CA LYS C 40 -23.14 8.16 17.58
C LYS C 40 -23.36 9.68 17.55
N LEU C 41 -23.02 10.33 16.43
CA LEU C 41 -23.11 11.78 16.36
C LEU C 41 -24.05 12.22 15.26
N LYS C 42 -24.83 13.27 15.54
CA LYS C 42 -25.85 13.78 14.59
C LYS C 42 -25.21 14.78 13.64
N GLU C 43 -24.09 15.35 14.06
CA GLU C 43 -23.27 16.23 13.21
C GLU C 43 -21.82 15.85 13.48
N SER C 44 -21.03 15.71 12.43
CA SER C 44 -19.62 15.42 12.61
C SER C 44 -18.79 15.93 11.46
N THR C 45 -17.50 16.13 11.72
CA THR C 45 -16.55 16.40 10.66
C THR C 45 -15.36 15.50 10.82
N VAL C 46 -14.86 14.96 9.72
CA VAL C 46 -13.58 14.26 9.74
C VAL C 46 -12.77 14.64 8.55
N ARG C 47 -11.48 14.34 8.62
CA ARG C 47 -10.56 14.59 7.51
C ARG C 47 -10.06 13.27 6.98
N ARG C 48 -10.24 13.05 5.67
CA ARG C 48 -9.93 11.76 5.07
C ARG C 48 -9.14 11.90 3.81
N ARG C 49 -8.29 10.92 3.54
CA ARG C 49 -7.61 10.86 2.28
C ARG C 49 -8.30 9.93 1.29
N TYR C 50 -7.88 10.02 0.05
CA TYR C 50 -8.36 9.13 -0.97
C TYR C 50 -8.15 7.71 -0.50
N SER C 51 -7.00 7.44 0.09
CA SER C 51 -6.67 6.05 0.41
C SER C 51 -7.57 5.45 1.56
N ASP C 52 -8.21 6.34 2.33
CA ASP C 52 -9.19 5.93 3.29
C ASP C 52 -10.48 5.47 2.60
N PHE C 53 -10.75 5.99 1.41
CA PHE C 53 -11.92 5.51 0.65
C PHE C 53 -11.61 4.15 0.09
N GLU C 54 -10.41 3.98 -0.46
CA GLU C 54 -9.92 2.66 -0.89
C GLU C 54 -10.00 1.65 0.27
N TRP C 55 -9.56 2.05 1.45
CA TRP C 55 -9.66 1.18 2.65
C TRP C 55 -11.06 0.84 3.02
N LEU C 56 -11.97 1.83 3.02
CA LEU C 56 -13.37 1.53 3.31
C LEU C 56 -13.96 0.49 2.34
N ARG C 57 -13.67 0.64 1.05
CA ARG C 57 -14.18 -0.28 0.06
C ARG C 57 -13.67 -1.71 0.32
N SER C 58 -12.39 -1.88 0.62
CA SER C 58 -11.86 -3.17 0.96
C SER C 58 -12.37 -3.78 2.26
N GLU C 59 -12.59 -3.00 3.31
CA GLU C 59 -13.18 -3.51 4.52
C GLU C 59 -14.55 -3.97 4.21
N LEU C 60 -15.32 -3.16 3.49
CA LEU C 60 -16.70 -3.58 3.18
C LEU C 60 -16.75 -4.88 2.37
N GLU C 61 -15.84 -5.09 1.45
CA GLU C 61 -15.85 -6.30 0.66
C GLU C 61 -15.41 -7.47 1.48
N ARG C 62 -14.59 -7.23 2.49
CA ARG C 62 -14.17 -8.29 3.37
C ARG C 62 -15.27 -8.74 4.33
N GLU C 63 -16.02 -7.81 4.89
CA GLU C 63 -16.87 -8.03 6.05
C GLU C 63 -18.35 -7.89 5.80
N SER C 64 -18.75 -7.62 4.56
CA SER C 64 -20.14 -7.41 4.29
C SER C 64 -20.50 -7.97 2.95
N LYS C 65 -21.77 -7.86 2.60
CA LYS C 65 -22.26 -8.25 1.31
C LYS C 65 -22.54 -7.02 0.39
N VAL C 66 -22.27 -5.84 0.89
CA VAL C 66 -22.43 -4.59 0.10
C VAL C 66 -21.64 -4.65 -1.20
N VAL C 67 -22.29 -4.29 -2.30
CA VAL C 67 -21.60 -4.04 -3.56
C VAL C 67 -21.26 -2.56 -3.56
N VAL C 68 -19.98 -2.27 -3.61
CA VAL C 68 -19.48 -0.93 -3.40
C VAL C 68 -19.50 -0.18 -4.70
N PRO C 69 -19.95 1.06 -4.69
CA PRO C 69 -19.90 1.81 -5.97
C PRO C 69 -18.49 2.16 -6.39
N PRO C 70 -18.31 2.61 -7.64
CA PRO C 70 -16.97 2.96 -8.09
C PRO C 70 -16.37 4.13 -7.33
N LEU C 71 -15.04 4.20 -7.33
CA LEU C 71 -14.33 5.40 -6.91
C LEU C 71 -13.79 6.05 -8.16
N PRO C 72 -13.57 7.39 -8.13
CA PRO C 72 -13.31 8.14 -9.36
C PRO C 72 -11.92 7.97 -9.95
N GLY C 73 -10.92 7.62 -9.16
CA GLY C 73 -9.52 7.54 -9.64
C GLY C 73 -8.65 8.49 -8.87
N LYS C 74 -7.46 8.07 -8.45
CA LYS C 74 -6.52 8.90 -7.65
C LYS C 74 -5.74 9.84 -8.56
N ALA C 75 -5.02 10.77 -7.90
CA ALA C 75 -3.94 11.64 -8.49
C ALA C 75 -3.69 11.57 -10.06
N PHE C 93 -9.29 18.62 -12.82
CA PHE C 93 -9.49 17.27 -12.26
C PHE C 93 -10.19 17.23 -10.90
N ILE C 94 -9.88 18.18 -10.01
CA ILE C 94 -10.27 18.06 -8.61
C ILE C 94 -11.77 18.07 -8.34
N GLU C 95 -12.56 18.78 -9.14
CA GLU C 95 -13.98 18.90 -8.82
C GLU C 95 -14.77 17.66 -9.23
N GLU C 96 -14.40 17.07 -10.36
CA GLU C 96 -14.95 15.77 -10.77
C GLU C 96 -14.63 14.69 -9.71
N ARG C 97 -13.42 14.76 -9.12
CA ARG C 97 -12.98 13.81 -8.11
C ARG C 97 -13.81 13.97 -6.83
N LYS C 98 -13.94 15.20 -6.34
CA LYS C 98 -14.77 15.48 -5.14
C LYS C 98 -16.19 14.98 -5.36
N GLN C 99 -16.75 15.23 -6.54
CA GLN C 99 -18.14 14.88 -6.80
C GLN C 99 -18.27 13.39 -6.86
N GLY C 100 -17.21 12.70 -7.28
CA GLY C 100 -17.22 11.22 -7.32
C GLY C 100 -17.16 10.60 -5.94
N LEU C 101 -16.31 11.19 -5.11
CA LEU C 101 -16.15 10.78 -3.74
C LEU C 101 -17.46 11.02 -2.97
N GLU C 102 -18.14 12.13 -3.27
CA GLU C 102 -19.41 12.44 -2.59
C GLU C 102 -20.55 11.52 -3.00
N GLN C 103 -20.68 11.17 -4.28
CA GLN C 103 -21.64 10.11 -4.69
C GLN C 103 -21.35 8.81 -3.99
N PHE C 104 -20.06 8.43 -4.00
CA PHE C 104 -19.62 7.14 -3.45
C PHE C 104 -20.05 7.03 -2.02
N ILE C 105 -19.63 7.97 -1.20
CA ILE C 105 -19.92 7.88 0.23
C ILE C 105 -21.40 8.06 0.58
N ASN C 106 -22.17 8.81 -0.20
CA ASN C 106 -23.62 8.83 0.02
C ASN C 106 -24.34 7.52 -0.31
N LYS C 107 -23.99 6.87 -1.44
CA LYS C 107 -24.58 5.58 -1.75
C LYS C 107 -24.23 4.53 -0.69
N VAL C 108 -22.95 4.37 -0.38
CA VAL C 108 -22.53 3.41 0.63
C VAL C 108 -23.20 3.66 1.99
N ALA C 109 -23.11 4.87 2.50
CA ALA C 109 -23.72 5.19 3.80
C ALA C 109 -25.25 5.09 3.77
N GLY C 110 -25.86 5.23 2.59
CA GLY C 110 -27.29 5.04 2.43
C GLY C 110 -27.72 3.59 2.56
N HIS C 111 -26.76 2.66 2.45
CA HIS C 111 -27.05 1.27 2.31
C HIS C 111 -27.21 0.75 3.73
N PRO C 112 -28.38 0.20 4.06
CA PRO C 112 -28.55 -0.26 5.44
C PRO C 112 -27.58 -1.40 5.90
N LEU C 113 -27.11 -2.24 4.97
CA LEU C 113 -26.01 -3.16 5.25
C LEU C 113 -24.68 -2.47 5.62
N ALA C 114 -24.33 -1.40 4.92
CA ALA C 114 -23.12 -0.65 5.24
C ALA C 114 -23.24 0.08 6.58
N GLN C 115 -24.42 0.57 6.86
CA GLN C 115 -24.71 1.22 8.14
C GLN C 115 -24.51 0.33 9.36
N ASN C 116 -24.56 -0.95 9.15
CA ASN C 116 -24.33 -1.88 10.21
C ASN C 116 -22.86 -2.25 10.45
N GLU C 117 -21.93 -1.58 9.78
CA GLU C 117 -20.52 -1.98 9.79
C GLU C 117 -19.63 -0.99 10.52
N ARG C 118 -18.81 -1.49 11.42
CA ARG C 118 -17.88 -0.68 12.19
C ARG C 118 -16.99 0.19 11.28
N CYS C 119 -16.57 -0.34 10.15
CA CYS C 119 -15.64 0.34 9.23
C CYS C 119 -16.23 1.61 8.67
N LEU C 120 -17.52 1.60 8.37
CA LEU C 120 -18.21 2.81 7.95
C LEU C 120 -18.24 3.90 9.02
N HIS C 121 -18.51 3.52 10.26
CA HIS C 121 -18.55 4.47 11.37
C HIS C 121 -17.18 4.99 11.72
N MET C 122 -16.15 4.15 11.61
CA MET C 122 -14.79 4.65 11.80
C MET C 122 -14.45 5.67 10.71
N PHE C 123 -14.85 5.37 9.49
CA PHE C 123 -14.51 6.21 8.39
C PHE C 123 -15.21 7.58 8.54
N LEU C 124 -16.50 7.54 8.90
CA LEU C 124 -17.32 8.72 8.86
C LEU C 124 -17.22 9.57 10.10
N GLN C 125 -17.01 8.95 11.25
CA GLN C 125 -17.09 9.68 12.54
C GLN C 125 -15.94 9.50 13.54
N ASP C 126 -14.99 8.59 13.28
CA ASP C 126 -13.79 8.38 14.12
C ASP C 126 -14.14 7.88 15.53
N ASN D 6 21.24 30.15 13.66
CA ASN D 6 20.78 29.06 12.73
C ASN D 6 20.08 27.96 13.54
N PHE D 7 18.76 27.84 13.38
CA PHE D 7 17.99 26.84 14.14
C PHE D 7 16.88 26.09 13.35
N LEU D 8 16.58 24.87 13.80
CA LEU D 8 15.54 24.03 13.22
C LEU D 8 14.94 23.19 14.32
N GLU D 9 13.74 23.54 14.75
CA GLU D 9 13.02 22.80 15.76
C GLU D 9 11.79 22.17 15.11
N ILE D 10 11.63 20.86 15.31
CA ILE D 10 10.49 20.14 14.80
C ILE D 10 9.87 19.40 15.98
N ASP D 11 8.56 19.57 16.15
CA ASP D 11 7.87 18.98 17.26
C ASP D 11 6.80 18.04 16.73
N VAL D 12 6.71 16.88 17.34
CA VAL D 12 5.64 15.94 17.03
C VAL D 12 4.74 15.86 18.24
N SER D 13 3.45 16.01 18.03
CA SER D 13 2.51 16.01 19.14
C SER D 13 1.19 15.42 18.73
N ASN D 14 0.47 14.87 19.70
CA ASN D 14 -0.86 14.30 19.51
C ASN D 14 -1.94 15.17 20.14
N GLY D 21 -8.98 9.86 15.76
CA GLY D 21 -7.63 9.46 15.47
C GLY D 21 -7.23 8.14 16.12
N ARG D 22 -7.76 7.01 15.62
CA ARG D 22 -7.28 5.66 15.98
C ARG D 22 -6.80 4.76 14.80
N GLY D 23 -5.78 3.94 15.09
CA GLY D 23 -5.20 3.00 14.11
C GLY D 23 -4.62 3.70 12.88
N ARG D 24 -5.19 3.42 11.72
CA ARG D 24 -4.73 4.04 10.50
C ARG D 24 -5.13 5.48 10.44
N PHE D 25 -6.12 5.89 11.24
CA PHE D 25 -6.54 7.30 11.27
C PHE D 25 -5.77 8.14 12.30
N THR D 26 -4.94 7.52 13.10
CA THR D 26 -4.11 8.27 14.02
C THR D 26 -3.27 9.28 13.23
N THR D 27 -3.30 10.53 13.63
CA THR D 27 -2.46 11.54 13.02
C THR D 27 -1.68 12.32 14.07
N TYR D 28 -0.58 12.90 13.65
CA TYR D 28 0.35 13.58 14.52
C TYR D 28 0.48 14.97 13.97
N GLU D 29 0.55 15.95 14.85
CA GLU D 29 0.77 17.30 14.38
C GLU D 29 2.26 17.46 14.31
N ILE D 30 2.75 18.04 13.24
CA ILE D 30 4.18 18.29 13.09
C ILE D 30 4.41 19.77 12.88
N ARG D 31 5.15 20.37 13.80
CA ARG D 31 5.29 21.81 13.87
C ARG D 31 6.79 22.12 13.64
N VAL D 32 7.07 23.03 12.70
CA VAL D 32 8.42 23.39 12.32
C VAL D 32 8.63 24.87 12.62
N LYS D 33 9.69 25.18 13.36
CA LYS D 33 10.17 26.56 13.50
C LYS D 33 11.59 26.58 12.97
N THR D 34 11.86 27.43 12.00
CA THR D 34 13.21 27.53 11.50
C THR D 34 13.48 28.92 10.90
N ASN D 35 14.74 29.30 10.87
CA ASN D 35 15.22 30.43 10.06
C ASN D 35 16.07 30.00 8.84
N LEU D 36 16.04 28.72 8.48
CA LEU D 36 16.82 28.21 7.35
C LEU D 36 16.13 28.63 6.07
N PRO D 37 16.90 29.19 5.11
CA PRO D 37 16.27 29.78 3.91
C PRO D 37 15.71 28.76 2.92
N ILE D 38 16.24 27.54 2.98
CA ILE D 38 15.75 26.43 2.12
C ILE D 38 14.26 26.12 2.30
N PHE D 39 13.74 26.33 3.51
CA PHE D 39 12.31 26.18 3.81
C PHE D 39 11.44 27.34 3.36
N LYS D 40 10.42 27.08 2.57
CA LYS D 40 9.46 28.12 2.22
C LYS D 40 8.88 28.86 3.43
N LEU D 41 8.60 28.14 4.53
CA LEU D 41 7.92 28.75 5.69
C LEU D 41 8.78 28.60 6.91
N LYS D 42 8.81 29.66 7.72
CA LYS D 42 9.65 29.72 8.90
C LYS D 42 8.89 29.11 10.11
N GLU D 43 7.57 29.09 10.02
CA GLU D 43 6.71 28.41 10.98
C GLU D 43 5.65 27.66 10.18
N SER D 44 5.41 26.39 10.51
CA SER D 44 4.37 25.63 9.83
C SER D 44 3.80 24.55 10.72
N THR D 45 2.57 24.14 10.39
CA THR D 45 1.96 22.98 11.01
C THR D 45 1.43 22.07 9.92
N VAL D 46 1.64 20.76 10.07
CA VAL D 46 0.96 19.79 9.20
C VAL D 46 0.49 18.64 10.03
N ARG D 47 -0.42 17.89 9.45
CA ARG D 47 -0.94 16.70 10.07
C ARG D 47 -0.49 15.49 9.24
N ARG D 48 0.13 14.54 9.90
CA ARG D 48 0.69 13.38 9.20
C ARG D 48 0.33 12.09 9.89
N ARG D 49 0.19 11.05 9.10
CA ARG D 49 0.03 9.70 9.65
C ARG D 49 1.32 8.96 9.74
N TYR D 50 1.31 7.88 10.49
CA TYR D 50 2.50 7.02 10.53
C TYR D 50 2.93 6.68 9.14
N SER D 51 1.98 6.38 8.27
CA SER D 51 2.34 5.90 6.94
C SER D 51 3.01 6.96 6.06
N ASP D 52 2.81 8.24 6.36
CA ASP D 52 3.54 9.29 5.70
C ASP D 52 5.04 9.29 6.10
N PHE D 53 5.34 8.80 7.28
CA PHE D 53 6.75 8.61 7.69
C PHE D 53 7.37 7.44 6.93
N GLU D 54 6.65 6.34 6.84
CA GLU D 54 7.06 5.22 5.97
C GLU D 54 7.29 5.70 4.55
N TRP D 55 6.38 6.51 4.02
CA TRP D 55 6.51 7.05 2.65
C TRP D 55 7.72 7.92 2.51
N LEU D 56 7.97 8.80 3.48
CA LEU D 56 9.13 9.67 3.41
C LEU D 56 10.40 8.85 3.36
N ARG D 57 10.47 7.82 4.21
CA ARG D 57 11.67 6.98 4.24
C ARG D 57 11.93 6.28 2.88
N SER D 58 10.89 5.79 2.25
CA SER D 58 11.03 5.21 0.90
C SER D 58 11.37 6.19 -0.19
N GLU D 59 10.80 7.39 -0.19
CA GLU D 59 11.20 8.37 -1.17
C GLU D 59 12.67 8.69 -1.00
N LEU D 60 13.10 8.92 0.24
CA LEU D 60 14.50 9.25 0.46
C LEU D 60 15.42 8.12 0.02
N GLU D 61 15.02 6.86 0.20
CA GLU D 61 15.90 5.75 -0.22
C GLU D 61 15.94 5.64 -1.73
N ARG D 62 14.89 6.08 -2.39
CA ARG D 62 14.88 6.05 -3.81
C ARG D 62 15.73 7.15 -4.42
N GLU D 63 15.70 8.35 -3.85
CA GLU D 63 16.16 9.55 -4.53
C GLU D 63 17.39 10.18 -3.91
N SER D 64 17.92 9.59 -2.86
CA SER D 64 18.99 10.23 -2.15
C SER D 64 19.90 9.17 -1.57
N LYS D 65 20.98 9.60 -0.94
CA LYS D 65 21.98 8.71 -0.34
C LYS D 65 21.82 8.68 1.16
N VAL D 66 20.83 9.42 1.65
CA VAL D 66 20.57 9.47 3.08
C VAL D 66 20.34 8.06 3.61
N VAL D 67 20.98 7.74 4.74
CA VAL D 67 20.65 6.55 5.51
C VAL D 67 19.65 6.97 6.56
N VAL D 68 18.45 6.41 6.46
CA VAL D 68 17.30 6.93 7.18
C VAL D 68 17.29 6.29 8.58
N PRO D 69 17.09 7.10 9.62
CA PRO D 69 17.05 6.47 10.93
C PRO D 69 15.85 5.58 11.10
N PRO D 70 15.86 4.76 12.14
CA PRO D 70 14.74 3.87 12.33
C PRO D 70 13.45 4.57 12.61
N LEU D 71 12.34 3.89 12.34
CA LEU D 71 11.03 4.30 12.81
C LEU D 71 10.67 3.38 13.92
N PRO D 72 9.82 3.84 14.85
CA PRO D 72 9.60 3.10 16.10
C PRO D 72 8.74 1.87 16.03
N GLY D 73 7.85 1.78 15.04
CA GLY D 73 6.93 0.63 14.95
C GLY D 73 5.50 1.09 15.02
N LYS D 74 4.62 0.56 14.13
CA LYS D 74 3.20 1.01 14.03
C LYS D 74 2.42 0.38 15.16
N ALA D 75 1.18 0.88 15.33
CA ALA D 75 0.17 0.47 16.35
C ALA D 75 0.54 -0.70 17.31
N PHE D 93 2.08 2.89 25.23
CA PHE D 93 2.73 2.82 23.93
C PHE D 93 2.88 4.14 23.17
N ILE D 94 1.88 5.01 23.23
CA ILE D 94 1.83 6.17 22.34
C ILE D 94 2.95 7.19 22.54
N GLU D 95 3.45 7.35 23.77
CA GLU D 95 4.42 8.41 24.00
C GLU D 95 5.81 7.98 23.52
N GLU D 96 6.14 6.71 23.70
CA GLU D 96 7.36 6.14 23.13
C GLU D 96 7.39 6.32 21.59
N ARG D 97 6.22 6.13 20.98
CA ARG D 97 6.04 6.22 19.54
C ARG D 97 6.25 7.64 19.09
N LYS D 98 5.59 8.58 19.75
CA LYS D 98 5.76 10.01 19.43
C LYS D 98 7.23 10.41 19.55
N GLN D 99 7.91 9.97 20.59
CA GLN D 99 9.33 10.34 20.78
C GLN D 99 10.17 9.78 19.69
N GLY D 100 9.82 8.59 19.20
CA GLY D 100 10.57 7.95 18.14
C GLY D 100 10.38 8.69 16.85
N LEU D 101 9.14 9.09 16.59
CA LEU D 101 8.80 9.85 15.41
C LEU D 101 9.51 11.21 15.43
N GLU D 102 9.60 11.82 16.60
CA GLU D 102 10.26 13.09 16.72
C GLU D 102 11.76 13.00 16.52
N GLN D 103 12.42 11.99 17.07
CA GLN D 103 13.85 11.75 16.82
C GLN D 103 14.12 11.56 15.33
N PHE D 104 13.30 10.70 14.74
CA PHE D 104 13.40 10.40 13.33
C PHE D 104 13.37 11.65 12.50
N ILE D 105 12.30 12.42 12.62
CA ILE D 105 12.15 13.57 11.74
C ILE D 105 13.15 14.72 12.02
N ASN D 106 13.63 14.86 13.25
CA ASN D 106 14.74 15.79 13.48
C ASN D 106 16.06 15.36 12.86
N LYS D 107 16.40 14.09 12.92
CA LYS D 107 17.66 13.64 12.32
C LYS D 107 17.58 13.80 10.81
N VAL D 108 16.51 13.29 10.21
CA VAL D 108 16.36 13.40 8.76
C VAL D 108 16.41 14.83 8.31
N ALA D 109 15.61 15.69 8.93
CA ALA D 109 15.54 17.10 8.50
C ALA D 109 16.83 17.83 8.79
N GLY D 110 17.61 17.33 9.76
CA GLY D 110 18.92 17.88 10.05
C GLY D 110 19.97 17.52 9.01
N HIS D 111 19.68 16.53 8.17
CA HIS D 111 20.66 16.01 7.23
C HIS D 111 20.65 16.88 5.98
N PRO D 112 21.79 17.44 5.61
CA PRO D 112 21.75 18.44 4.51
C PRO D 112 21.38 17.82 3.14
N LEU D 113 21.68 16.53 2.97
CA LEU D 113 21.18 15.79 1.81
C LEU D 113 19.65 15.65 1.77
N ALA D 114 19.03 15.41 2.93
CA ALA D 114 17.57 15.30 3.00
C ALA D 114 16.93 16.65 2.74
N GLN D 115 17.57 17.71 3.24
CA GLN D 115 17.09 19.08 3.07
C GLN D 115 16.97 19.50 1.62
N ASN D 116 17.70 18.82 0.77
CA ASN D 116 17.68 19.13 -0.62
C ASN D 116 16.58 18.41 -1.39
N GLU D 117 15.67 17.69 -0.69
CA GLU D 117 14.73 16.76 -1.37
C GLU D 117 13.31 17.19 -1.27
N ARG D 118 12.63 17.22 -2.41
CA ARG D 118 11.26 17.68 -2.48
C ARG D 118 10.36 16.92 -1.51
N CYS D 119 10.61 15.63 -1.35
CA CYS D 119 9.81 14.77 -0.50
C CYS D 119 9.80 15.23 0.96
N LEU D 120 10.95 15.70 1.44
CA LEU D 120 11.02 16.22 2.80
C LEU D 120 10.18 17.47 2.98
N HIS D 121 10.25 18.37 2.03
CA HIS D 121 9.47 19.60 2.08
C HIS D 121 7.99 19.36 1.91
N MET D 122 7.60 18.39 1.08
CA MET D 122 6.18 18.03 1.02
C MET D 122 5.72 17.48 2.37
N PHE D 123 6.55 16.66 2.99
CA PHE D 123 6.17 16.00 4.22
C PHE D 123 6.04 17.01 5.32
N LEU D 124 6.99 17.94 5.40
CA LEU D 124 7.09 18.88 6.52
C LEU D 124 6.19 20.08 6.39
N GLN D 125 5.98 20.57 5.17
CA GLN D 125 5.29 21.85 4.98
C GLN D 125 4.19 21.92 3.94
N ASP D 126 4.01 20.85 3.17
CA ASP D 126 3.13 20.89 2.01
C ASP D 126 3.75 21.77 0.92
N GLU D 127 5.07 21.99 1.00
CA GLU D 127 5.79 22.86 0.04
C GLU D 127 6.21 22.09 -1.19
N ILE D 128 5.98 22.68 -2.37
CA ILE D 128 6.48 22.13 -3.64
C ILE D 128 7.81 22.85 -3.99
N ILE D 129 8.86 22.05 -4.21
CA ILE D 129 10.23 22.52 -4.57
C ILE D 129 10.90 23.20 -3.38
#